data_5TXJ
# 
_entry.id   5TXJ 
# 
_audit_conform.dict_name       mmcif_pdbx.dic 
_audit_conform.dict_version    5.389 
_audit_conform.dict_location   http://mmcif.pdb.org/dictionaries/ascii/mmcif_pdbx.dic 
# 
loop_
_database_2.database_id 
_database_2.database_code 
_database_2.pdbx_database_accession 
_database_2.pdbx_DOI 
PDB   5TXJ         pdb_00005txj 10.2210/pdb5txj/pdb 
WWPDB D_1000224993 ?            ?                   
# 
loop_
_pdbx_audit_revision_history.ordinal 
_pdbx_audit_revision_history.data_content_type 
_pdbx_audit_revision_history.major_revision 
_pdbx_audit_revision_history.minor_revision 
_pdbx_audit_revision_history.revision_date 
1 'Structure model' 1 0 2017-11-15 
2 'Structure model' 1 1 2017-11-22 
3 'Structure model' 1 2 2018-10-10 
4 'Structure model' 1 3 2024-03-06 
5 'Structure model' 1 4 2024-04-03 
# 
_pdbx_audit_revision_details.ordinal             1 
_pdbx_audit_revision_details.revision_ordinal    1 
_pdbx_audit_revision_details.data_content_type   'Structure model' 
_pdbx_audit_revision_details.provider            repository 
_pdbx_audit_revision_details.type                'Initial release' 
_pdbx_audit_revision_details.description         ? 
_pdbx_audit_revision_details.details             ? 
# 
loop_
_pdbx_audit_revision_group.ordinal 
_pdbx_audit_revision_group.revision_ordinal 
_pdbx_audit_revision_group.data_content_type 
_pdbx_audit_revision_group.group 
1 2 'Structure model' 'Database references'    
2 3 'Structure model' 'Data collection'        
3 3 'Structure model' 'Database references'    
4 4 'Structure model' 'Data collection'        
5 4 'Structure model' 'Database references'    
6 5 'Structure model' 'Refinement description' 
# 
loop_
_pdbx_audit_revision_category.ordinal 
_pdbx_audit_revision_category.revision_ordinal 
_pdbx_audit_revision_category.data_content_type 
_pdbx_audit_revision_category.category 
1 2 'Structure model' struct_ref_seq                
2 3 'Structure model' citation                      
3 3 'Structure model' citation_author               
4 4 'Structure model' chem_comp_atom                
5 4 'Structure model' chem_comp_bond                
6 4 'Structure model' database_2                    
7 5 'Structure model' pdbx_initial_refinement_model 
# 
loop_
_pdbx_audit_revision_item.ordinal 
_pdbx_audit_revision_item.revision_ordinal 
_pdbx_audit_revision_item.data_content_type 
_pdbx_audit_revision_item.item 
1  2 'Structure model' '_struct_ref_seq.align_id'            
2  3 'Structure model' '_citation.country'                   
3  3 'Structure model' '_citation.journal_abbrev'            
4  3 'Structure model' '_citation.journal_id_ASTM'           
5  3 'Structure model' '_citation.journal_id_CSD'            
6  3 'Structure model' '_citation.journal_id_ISSN'           
7  3 'Structure model' '_citation.journal_volume'            
8  3 'Structure model' '_citation.page_first'                
9  3 'Structure model' '_citation.page_last'                 
10 3 'Structure model' '_citation.pdbx_database_id_DOI'      
11 3 'Structure model' '_citation.pdbx_database_id_PubMed'   
12 3 'Structure model' '_citation.title'                     
13 3 'Structure model' '_citation.year'                      
14 4 'Structure model' '_database_2.pdbx_DOI'                
15 4 'Structure model' '_database_2.pdbx_database_accession' 
# 
_pdbx_database_status.status_code                     REL 
_pdbx_database_status.status_code_sf                  REL 
_pdbx_database_status.status_code_mr                  ? 
_pdbx_database_status.entry_id                        5TXJ 
_pdbx_database_status.recvd_initial_deposition_date   2016-11-16 
_pdbx_database_status.SG_entry                        N 
_pdbx_database_status.deposit_site                    RCSB 
_pdbx_database_status.process_site                    RCSB 
_pdbx_database_status.status_code_cs                  ? 
_pdbx_database_status.methods_development_category    ? 
_pdbx_database_status.pdb_format_compatible           Y 
_pdbx_database_status.status_code_nmr_data            ? 
# 
loop_
_pdbx_database_related.content_type 
_pdbx_database_related.db_id 
_pdbx_database_related.db_name 
_pdbx_database_related.details 
unspecified 5TXH PDB . 
unspecified 5TXD PDB . 
# 
loop_
_audit_author.name 
_audit_author.pdbx_ordinal 
'Sangwan, S.'   1 
'Sawaya, M.R.'  2 
'Eisenberg, D.' 3 
# 
_citation.abstract                  ? 
_citation.abstract_id_CAS           ? 
_citation.book_id_ISBN              ? 
_citation.book_publisher            ? 
_citation.book_publisher_city       ? 
_citation.book_title                ? 
_citation.coordinate_linkage        ? 
_citation.country                   US 
_citation.database_id_Medline       ? 
_citation.details                   ? 
_citation.id                        primary 
_citation.journal_abbrev            'Protein Sci.' 
_citation.journal_id_ASTM           PRCIEI 
_citation.journal_id_CSD            0795 
_citation.journal_id_ISSN           1469-896X 
_citation.journal_full              ? 
_citation.journal_issue             ? 
_citation.journal_volume            27 
_citation.language                  ? 
_citation.page_first                1181 
_citation.page_last                 1190 
_citation.title                     'Distal amyloid beta-protein fragments template amyloid assembly.' 
_citation.year                      2018 
_citation.database_id_CSD           ? 
_citation.pdbx_database_id_DOI      10.1002/pro.3375 
_citation.pdbx_database_id_PubMed   29349888 
_citation.unpublished_flag          ? 
# 
loop_
_citation_author.citation_id 
_citation_author.name 
_citation_author.ordinal 
_citation_author.identifier_ORCID 
primary 'Do, T.D.'           1 0000-0002-1978-4365 
primary 'Sangwan, S.'        2 ?                   
primary 'de Almeida, N.E.C.' 3 ?                   
primary 'Ilitchev, A.I.'     4 ?                   
primary 'Giammona, M.'       5 ?                   
primary 'Sawaya, M.R.'       6 ?                   
primary 'Buratto, S.K.'      7 ?                   
primary 'Eisenberg, D.S.'    8 ?                   
primary 'Bowers, M.T.'       9 ?                   
# 
loop_
_entity.id 
_entity.type 
_entity.src_method 
_entity.pdbx_description 
_entity.formula_weight 
_entity.pdbx_number_of_molecules 
_entity.pdbx_ec 
_entity.pdbx_mutation 
_entity.pdbx_fragment 
_entity.details 
1 polymer syn 'amyloid-beta derived peptide' 692.757 2 ? ? ? ? 
2 water   nat water                          18.015  5 ? ? ? ? 
# 
_entity_poly.entity_id                      1 
_entity_poly.type                           'polypeptide(L)' 
_entity_poly.nstd_linkage                   no 
_entity_poly.nstd_monomer                   no 
_entity_poly.pdbx_seq_one_letter_code       IFAEDV 
_entity_poly.pdbx_seq_one_letter_code_can   IFAEDV 
_entity_poly.pdbx_strand_id                 A,B 
_entity_poly.pdbx_target_identifier         ? 
# 
_pdbx_entity_nonpoly.entity_id   2 
_pdbx_entity_nonpoly.name        water 
_pdbx_entity_nonpoly.comp_id     HOH 
# 
loop_
_entity_poly_seq.entity_id 
_entity_poly_seq.num 
_entity_poly_seq.mon_id 
_entity_poly_seq.hetero 
1 1 ILE n 
1 2 PHE n 
1 3 ALA n 
1 4 GLU n 
1 5 ASP n 
1 6 VAL n 
# 
_pdbx_entity_src_syn.entity_id              1 
_pdbx_entity_src_syn.pdbx_src_id            1 
_pdbx_entity_src_syn.pdbx_alt_source_flag   sample 
_pdbx_entity_src_syn.pdbx_beg_seq_num       1 
_pdbx_entity_src_syn.pdbx_end_seq_num       6 
_pdbx_entity_src_syn.organism_scientific    'Homo sapiens' 
_pdbx_entity_src_syn.organism_common_name   ? 
_pdbx_entity_src_syn.ncbi_taxonomy_id       9606 
_pdbx_entity_src_syn.details                synthesized 
# 
loop_
_chem_comp.id 
_chem_comp.type 
_chem_comp.mon_nstd_flag 
_chem_comp.name 
_chem_comp.pdbx_synonyms 
_chem_comp.formula 
_chem_comp.formula_weight 
ALA 'L-peptide linking' y ALANINE         ? 'C3 H7 N O2'  89.093  
ASP 'L-peptide linking' y 'ASPARTIC ACID' ? 'C4 H7 N O4'  133.103 
GLU 'L-peptide linking' y 'GLUTAMIC ACID' ? 'C5 H9 N O4'  147.129 
HOH non-polymer         . WATER           ? 'H2 O'        18.015  
ILE 'L-peptide linking' y ISOLEUCINE      ? 'C6 H13 N O2' 131.173 
PHE 'L-peptide linking' y PHENYLALANINE   ? 'C9 H11 N O2' 165.189 
VAL 'L-peptide linking' y VALINE          ? 'C5 H11 N O2' 117.146 
# 
loop_
_pdbx_poly_seq_scheme.asym_id 
_pdbx_poly_seq_scheme.entity_id 
_pdbx_poly_seq_scheme.seq_id 
_pdbx_poly_seq_scheme.mon_id 
_pdbx_poly_seq_scheme.ndb_seq_num 
_pdbx_poly_seq_scheme.pdb_seq_num 
_pdbx_poly_seq_scheme.auth_seq_num 
_pdbx_poly_seq_scheme.pdb_mon_id 
_pdbx_poly_seq_scheme.auth_mon_id 
_pdbx_poly_seq_scheme.pdb_strand_id 
_pdbx_poly_seq_scheme.pdb_ins_code 
_pdbx_poly_seq_scheme.hetero 
A 1 1 ILE 1 1 1 ILE ILE A . n 
A 1 2 PHE 2 2 2 PHE PHE A . n 
A 1 3 ALA 3 3 3 ALA ALA A . n 
A 1 4 GLU 4 4 4 GLU GLU A . n 
A 1 5 ASP 5 5 5 ASP ASP A . n 
A 1 6 VAL 6 6 6 VAL VAL A . n 
B 1 1 ILE 1 1 1 ILE ILE B . n 
B 1 2 PHE 2 2 2 PHE PHE B . n 
B 1 3 ALA 3 3 3 ALA ALA B . n 
B 1 4 GLU 4 4 4 GLU GLU B . n 
B 1 5 ASP 5 5 5 ASP ASP B . n 
B 1 6 VAL 6 6 6 VAL VAL B . n 
# 
loop_
_pdbx_nonpoly_scheme.asym_id 
_pdbx_nonpoly_scheme.entity_id 
_pdbx_nonpoly_scheme.mon_id 
_pdbx_nonpoly_scheme.ndb_seq_num 
_pdbx_nonpoly_scheme.pdb_seq_num 
_pdbx_nonpoly_scheme.auth_seq_num 
_pdbx_nonpoly_scheme.pdb_mon_id 
_pdbx_nonpoly_scheme.auth_mon_id 
_pdbx_nonpoly_scheme.pdb_strand_id 
_pdbx_nonpoly_scheme.pdb_ins_code 
C 2 HOH 1 101 101 HOH HOH A . 
C 2 HOH 2 102 102 HOH HOH A . 
C 2 HOH 3 103 103 HOH HOH A . 
D 2 HOH 1 101 101 HOH HOH B . 
D 2 HOH 2 102 102 HOH HOH B . 
# 
loop_
_software.citation_id 
_software.classification 
_software.compiler_name 
_software.compiler_version 
_software.contact_author 
_software.contact_author_email 
_software.date 
_software.description 
_software.dependencies 
_software.hardware 
_software.language 
_software.location 
_software.mods 
_software.name 
_software.os 
_software.os_version 
_software.type 
_software.version 
_software.pdbx_ordinal 
? refinement        ? ? ? ? ? ? ? ? ? ? ? PHENIX      ? ? ? .    1 
? 'data extraction' ? ? ? ? ? ? ? ? ? ? ? PDB_EXTRACT ? ? ? 3.20 2 
? 'data reduction'  ? ? ? ? ? ? ? ? ? ? ? XDS         ? ? ? .    3 
? 'data scaling'    ? ? ? ? ? ? ? ? ? ? ? XSCALE      ? ? ? .    4 
? phasing           ? ? ? ? ? ? ? ? ? ? ? PHASER      ? ? ? .    5 
# 
_cell.entry_id           5TXJ 
_cell.length_a           9.518 
_cell.length_b           10.206 
_cell.length_c           20.064 
_cell.angle_alpha        96.22 
_cell.angle_beta         92.41 
_cell.angle_gamma        85.32 
_cell.Z_PDB              2 
_cell.pdbx_unique_axis   ? 
# 
_symmetry.entry_id                         5TXJ 
_symmetry.space_group_name_H-M             'P 1' 
_symmetry.pdbx_full_space_group_name_H-M   ? 
_symmetry.cell_setting                     ? 
_symmetry.Int_Tables_number                1 
# 
_exptl.absorpt_coefficient_mu     ? 
_exptl.absorpt_correction_T_max   ? 
_exptl.absorpt_correction_T_min   ? 
_exptl.absorpt_correction_type    ? 
_exptl.absorpt_process_details    ? 
_exptl.entry_id                   5TXJ 
_exptl.crystals_number            1 
_exptl.details                    ? 
_exptl.method                     'X-RAY DIFFRACTION' 
_exptl.method_details             ? 
# 
_exptl_crystal.colour                      ? 
_exptl_crystal.density_diffrn              ? 
_exptl_crystal.density_Matthews            1.39 
_exptl_crystal.density_method              ? 
_exptl_crystal.density_percent_sol         11.70 
_exptl_crystal.description                 ? 
_exptl_crystal.F_000                       ? 
_exptl_crystal.id                          1 
_exptl_crystal.preparation                 ? 
_exptl_crystal.size_max                    ? 
_exptl_crystal.size_mid                    ? 
_exptl_crystal.size_min                    ? 
_exptl_crystal.size_rad                    ? 
_exptl_crystal.colour_lustre               ? 
_exptl_crystal.colour_modifier             ? 
_exptl_crystal.colour_primary              ? 
_exptl_crystal.density_meas                ? 
_exptl_crystal.density_meas_esd            ? 
_exptl_crystal.density_meas_gt             ? 
_exptl_crystal.density_meas_lt             ? 
_exptl_crystal.density_meas_temp           ? 
_exptl_crystal.density_meas_temp_esd       ? 
_exptl_crystal.density_meas_temp_gt        ? 
_exptl_crystal.density_meas_temp_lt        ? 
_exptl_crystal.pdbx_crystal_image_url      ? 
_exptl_crystal.pdbx_crystal_image_format   ? 
_exptl_crystal.pdbx_mosaicity              ? 
_exptl_crystal.pdbx_mosaicity_esd          ? 
# 
_exptl_crystal_grow.apparatus       ? 
_exptl_crystal_grow.atmosphere      ? 
_exptl_crystal_grow.crystal_id      1 
_exptl_crystal_grow.details         ? 
_exptl_crystal_grow.method          'VAPOR DIFFUSION, HANGING DROP' 
_exptl_crystal_grow.method_ref      ? 
_exptl_crystal_grow.pH              5 
_exptl_crystal_grow.pressure        ? 
_exptl_crystal_grow.pressure_esd    ? 
_exptl_crystal_grow.seeding         ? 
_exptl_crystal_grow.seeding_ref     ? 
_exptl_crystal_grow.temp            298 
_exptl_crystal_grow.temp_details    ? 
_exptl_crystal_grow.temp_esd        ? 
_exptl_crystal_grow.time            ? 
_exptl_crystal_grow.pdbx_details    'reservoir contained 20% PEG 3350, 0.2M Ammonium Nitrate' 
_exptl_crystal_grow.pdbx_pH_range   ? 
# 
_diffrn.ambient_environment    ? 
_diffrn.ambient_temp           100 
_diffrn.ambient_temp_details   ? 
_diffrn.ambient_temp_esd       ? 
_diffrn.crystal_id             1 
_diffrn.crystal_support        ? 
_diffrn.crystal_treatment      ? 
_diffrn.details                ? 
_diffrn.id                     1 
_diffrn.ambient_pressure       ? 
_diffrn.ambient_pressure_esd   ? 
_diffrn.ambient_pressure_gt    ? 
_diffrn.ambient_pressure_lt    ? 
_diffrn.ambient_temp_gt        ? 
_diffrn.ambient_temp_lt        ? 
# 
_diffrn_detector.details                      ? 
_diffrn_detector.detector                     CCD 
_diffrn_detector.diffrn_id                    1 
_diffrn_detector.type                         'ADSC QUANTUM 315' 
_diffrn_detector.area_resol_mean              ? 
_diffrn_detector.dtime                        ? 
_diffrn_detector.pdbx_frames_total            ? 
_diffrn_detector.pdbx_collection_time_total   ? 
_diffrn_detector.pdbx_collection_date         2014-12-07 
# 
_diffrn_radiation.collimation                      ? 
_diffrn_radiation.diffrn_id                        1 
_diffrn_radiation.filter_edge                      ? 
_diffrn_radiation.inhomogeneity                    ? 
_diffrn_radiation.monochromator                    ? 
_diffrn_radiation.polarisn_norm                    ? 
_diffrn_radiation.polarisn_ratio                   ? 
_diffrn_radiation.probe                            ? 
_diffrn_radiation.type                             ? 
_diffrn_radiation.xray_symbol                      ? 
_diffrn_radiation.wavelength_id                    1 
_diffrn_radiation.pdbx_monochromatic_or_laue_m_l   M 
_diffrn_radiation.pdbx_wavelength_list             ? 
_diffrn_radiation.pdbx_wavelength                  ? 
_diffrn_radiation.pdbx_diffrn_protocol             'SINGLE WAVELENGTH' 
_diffrn_radiation.pdbx_analyzer                    ? 
_diffrn_radiation.pdbx_scattering_type             x-ray 
# 
_diffrn_radiation_wavelength.id           1 
_diffrn_radiation_wavelength.wavelength   0.9791 
_diffrn_radiation_wavelength.wt           1.0 
# 
_diffrn_source.current                     ? 
_diffrn_source.details                     ? 
_diffrn_source.diffrn_id                   1 
_diffrn_source.power                       ? 
_diffrn_source.size                        ? 
_diffrn_source.source                      SYNCHROTRON 
_diffrn_source.target                      ? 
_diffrn_source.type                        'APS BEAMLINE 24-ID-E' 
_diffrn_source.voltage                     ? 
_diffrn_source.take-off_angle              ? 
_diffrn_source.pdbx_wavelength_list        0.9791 
_diffrn_source.pdbx_wavelength             ? 
_diffrn_source.pdbx_synchrotron_beamline   24-ID-E 
_diffrn_source.pdbx_synchrotron_site       APS 
# 
_reflns.pdbx_diffrn_id               1 
_reflns.pdbx_ordinal                 1 
_reflns.entry_id                     5TXJ 
_reflns.observed_criterion_sigma_I   ? 
_reflns.observed_criterion_sigma_F   ? 
_reflns.d_resolution_low             100.000 
_reflns.d_resolution_high            1.100 
_reflns.number_obs                   2605 
_reflns.number_all                   ? 
_reflns.percent_possible_obs         92.9 
_reflns.pdbx_Rmerge_I_obs            0.06800 
_reflns.pdbx_Rsym_value              ? 
_reflns.pdbx_netI_over_sigmaI        14.7000 
_reflns.B_iso_Wilson_estimate        ? 
_reflns.pdbx_redundancy              3.700 
# 
_reflns_shell.d_res_high                  . 
_reflns_shell.d_res_low                   ? 
_reflns_shell.meanI_over_sigI_all         ? 
_reflns_shell.meanI_over_sigI_obs         ? 
_reflns_shell.number_measured_all         ? 
_reflns_shell.number_measured_obs         ? 
_reflns_shell.number_possible             ? 
_reflns_shell.number_unique_all           ? 
_reflns_shell.number_unique_obs           ? 
_reflns_shell.percent_possible_all        ? 
_reflns_shell.percent_possible_obs        ? 
_reflns_shell.Rmerge_F_all                ? 
_reflns_shell.Rmerge_F_obs                ? 
_reflns_shell.Rmerge_I_all                ? 
_reflns_shell.Rmerge_I_obs                ? 
_reflns_shell.meanI_over_sigI_gt          ? 
_reflns_shell.meanI_over_uI_all           ? 
_reflns_shell.meanI_over_uI_gt            ? 
_reflns_shell.number_measured_gt          ? 
_reflns_shell.number_unique_gt            ? 
_reflns_shell.percent_possible_gt         ? 
_reflns_shell.Rmerge_F_gt                 ? 
_reflns_shell.Rmerge_I_gt                 ? 
_reflns_shell.pdbx_redundancy             ? 
_reflns_shell.pdbx_Rsym_value             ? 
_reflns_shell.pdbx_chi_squared            ? 
_reflns_shell.pdbx_netI_over_sigmaI_all   ? 
_reflns_shell.pdbx_netI_over_sigmaI_obs   ? 
_reflns_shell.pdbx_Rrim_I_all             ? 
_reflns_shell.pdbx_Rpim_I_all             ? 
_reflns_shell.pdbx_rejects                ? 
_reflns_shell.pdbx_ordinal                1 
_reflns_shell.pdbx_diffrn_id              1 
_reflns_shell.pdbx_CC_half                ? 
_reflns_shell.pdbx_R_split                ? 
# 
_refine.pdbx_refine_id                           'X-RAY DIFFRACTION' 
_refine.entry_id                                 5TXJ 
_refine.pdbx_diffrn_id                           1 
_refine.pdbx_TLS_residual_ADP_flag               ? 
_refine.ls_number_reflns_obs                     2594 
_refine.ls_number_reflns_all                     ? 
_refine.pdbx_ls_sigma_I                          ? 
_refine.pdbx_ls_sigma_F                          2.070 
_refine.pdbx_data_cutoff_high_absF               ? 
_refine.pdbx_data_cutoff_low_absF                ? 
_refine.pdbx_data_cutoff_high_rms_absF           ? 
_refine.ls_d_res_low                             19.94 
_refine.ls_d_res_high                            1.13 
_refine.ls_percent_reflns_obs                    92.8 
_refine.ls_R_factor_obs                          0.146 
_refine.ls_R_factor_all                          ? 
_refine.ls_R_factor_R_work                       0.145 
_refine.ls_R_factor_R_free                       0.157 
_refine.ls_R_factor_R_free_error                 ? 
_refine.ls_R_factor_R_free_error_details         ? 
_refine.ls_percent_reflns_R_free                 9.710 
_refine.ls_number_reflns_R_free                  252 
_refine.ls_number_parameters                     ? 
_refine.ls_number_restraints                     ? 
_refine.occupancy_min                            ? 
_refine.occupancy_max                            ? 
_refine.correlation_coeff_Fo_to_Fc               ? 
_refine.correlation_coeff_Fo_to_Fc_free          ? 
_refine.B_iso_mean                               5.73 
_refine.aniso_B[1][1]                            ? 
_refine.aniso_B[2][2]                            ? 
_refine.aniso_B[3][3]                            ? 
_refine.aniso_B[1][2]                            ? 
_refine.aniso_B[1][3]                            ? 
_refine.aniso_B[2][3]                            ? 
_refine.solvent_model_details                    ? 
_refine.solvent_model_param_ksol                 ? 
_refine.solvent_model_param_bsol                 ? 
_refine.pdbx_solvent_vdw_probe_radii             1.11 
_refine.pdbx_solvent_ion_probe_radii             ? 
_refine.pdbx_solvent_shrinkage_radii             0.90 
_refine.pdbx_ls_cross_valid_method               'FREE R-VALUE' 
_refine.details                                  ? 
_refine.pdbx_starting_model                      '6 RESIDUE BETA STRAND' 
_refine.pdbx_method_to_determine_struct          'MOLECULAR REPLACEMENT' 
_refine.pdbx_isotropic_thermal_model             ? 
_refine.pdbx_stereochemistry_target_values       ? 
_refine.pdbx_stereochem_target_val_spec_case     ? 
_refine.pdbx_R_Free_selection_details            ? 
_refine.pdbx_overall_ESU_R                       ? 
_refine.pdbx_overall_ESU_R_Free                  ? 
_refine.overall_SU_ML                            0.050 
_refine.pdbx_overall_phase_error                 16.980 
_refine.overall_SU_B                             ? 
_refine.overall_SU_R_Cruickshank_DPI             ? 
_refine.pdbx_overall_SU_R_free_Cruickshank_DPI   ? 
_refine.pdbx_overall_SU_R_Blow_DPI               ? 
_refine.pdbx_overall_SU_R_free_Blow_DPI          ? 
# 
_refine_hist.pdbx_refine_id                   'X-RAY DIFFRACTION' 
_refine_hist.cycle_id                         LAST 
_refine_hist.pdbx_number_atoms_protein        98 
_refine_hist.pdbx_number_atoms_nucleic_acid   0 
_refine_hist.pdbx_number_atoms_ligand         0 
_refine_hist.number_atoms_solvent             5 
_refine_hist.number_atoms_total               103 
_refine_hist.d_res_high                       1.13 
_refine_hist.d_res_low                        19.94 
# 
_struct.entry_id                     5TXJ 
_struct.title                        'Polymorphic form 1 of amyloid-beta derived peptide - IFAEDV' 
_struct.pdbx_model_details           'amyloid fibril' 
_struct.pdbx_formula_weight          ? 
_struct.pdbx_formula_weight_method   ? 
_struct.pdbx_model_type_details      ? 
_struct.pdbx_CASP_flag               N 
# 
_struct_keywords.entry_id        5TXJ 
_struct_keywords.text            'protein fibril, DE NOVO PROTEIN' 
_struct_keywords.pdbx_keywords   'DE NOVO PROTEIN' 
# 
loop_
_struct_asym.id 
_struct_asym.pdbx_blank_PDB_chainid_flag 
_struct_asym.pdbx_modified 
_struct_asym.entity_id 
_struct_asym.details 
A N N 1 ? 
B N N 1 ? 
C N N 2 ? 
D N N 2 ? 
# 
_struct_ref.id                         1 
_struct_ref.db_name                    PDB 
_struct_ref.db_code                    5TXJ 
_struct_ref.pdbx_db_accession          5TXJ 
_struct_ref.pdbx_db_isoform            ? 
_struct_ref.entity_id                  1 
_struct_ref.pdbx_seq_one_letter_code   ? 
_struct_ref.pdbx_align_begin           1 
# 
loop_
_struct_ref_seq.align_id 
_struct_ref_seq.ref_id 
_struct_ref_seq.pdbx_PDB_id_code 
_struct_ref_seq.pdbx_strand_id 
_struct_ref_seq.seq_align_beg 
_struct_ref_seq.pdbx_seq_align_beg_ins_code 
_struct_ref_seq.seq_align_end 
_struct_ref_seq.pdbx_seq_align_end_ins_code 
_struct_ref_seq.pdbx_db_accession 
_struct_ref_seq.db_align_beg 
_struct_ref_seq.pdbx_db_align_beg_ins_code 
_struct_ref_seq.db_align_end 
_struct_ref_seq.pdbx_db_align_end_ins_code 
_struct_ref_seq.pdbx_auth_seq_align_beg 
_struct_ref_seq.pdbx_auth_seq_align_end 
2 1 5TXJ B 1 ? 6 ? 5TXJ 1 ? 6 ? 1 6 
1 1 5TXJ A 1 ? 6 ? 5TXJ 1 ? 6 ? 1 6 
# 
_pdbx_struct_assembly.id                   1 
_pdbx_struct_assembly.details              author_defined_assembly 
_pdbx_struct_assembly.method_details       ? 
_pdbx_struct_assembly.oligomeric_details   octameric 
_pdbx_struct_assembly.oligomeric_count     8 
# 
_pdbx_struct_assembly_gen.assembly_id       1 
_pdbx_struct_assembly_gen.oper_expression   1,2,3,4 
_pdbx_struct_assembly_gen.asym_id_list      A,B,C,D 
# 
loop_
_pdbx_struct_oper_list.id 
_pdbx_struct_oper_list.type 
_pdbx_struct_oper_list.name 
_pdbx_struct_oper_list.symmetry_operation 
_pdbx_struct_oper_list.matrix[1][1] 
_pdbx_struct_oper_list.matrix[1][2] 
_pdbx_struct_oper_list.matrix[1][3] 
_pdbx_struct_oper_list.vector[1] 
_pdbx_struct_oper_list.matrix[2][1] 
_pdbx_struct_oper_list.matrix[2][2] 
_pdbx_struct_oper_list.matrix[2][3] 
_pdbx_struct_oper_list.vector[2] 
_pdbx_struct_oper_list.matrix[3][1] 
_pdbx_struct_oper_list.matrix[3][2] 
_pdbx_struct_oper_list.matrix[3][3] 
_pdbx_struct_oper_list.vector[3] 
1 'identity operation'         1_555 x,y,z     1.0000000000 0.0000000000 0.0000000000 0.0000000000  0.0000000000 1.0000000000 0.0000000000 0.0000000000   0.0000000000 0.0000000000 1.0000000000 0.0000000000  
2 'crystal symmetry operation' 1_655 x+1,y,z   1.0000000000 0.0000000000 0.0000000000 8.0017804666  0.0000000000 1.0000000000 0.0000000000 -5.0791083433  0.0000000000 0.0000000000 1.0000000000 -0.8754951746 
3 'crystal symmetry operation' 1_565 x,y+1,z   1.0000000000 0.0000000000 0.0000000000 -4.4958388449 0.0000000000 1.0000000000 0.0000000000 -7.8204548209  0.0000000000 0.0000000000 1.0000000000 -4.7739245359 
4 'crystal symmetry operation' 1_665 x+1,y+1,z 1.0000000000 0.0000000000 0.0000000000 3.5059416218  0.0000000000 1.0000000000 0.0000000000 -12.8995631642 0.0000000000 0.0000000000 1.0000000000 -5.6494197105 
# 
_struct_biol.id        1 
_struct_biol.details   
;The biological assembly is a pair of beta sheets. As an example, symmetry operators to generate a pair of sheets with 4 strands in each sheet is provided
;
# 
_struct_sheet.id               AA1 
_struct_sheet.type             ? 
_struct_sheet.number_strands   2 
_struct_sheet.details          ? 
# 
_struct_sheet_order.sheet_id     AA1 
_struct_sheet_order.range_id_1   1 
_struct_sheet_order.range_id_2   2 
_struct_sheet_order.offset       ? 
_struct_sheet_order.sense        anti-parallel 
# 
loop_
_struct_sheet_range.sheet_id 
_struct_sheet_range.id 
_struct_sheet_range.beg_label_comp_id 
_struct_sheet_range.beg_label_asym_id 
_struct_sheet_range.beg_label_seq_id 
_struct_sheet_range.pdbx_beg_PDB_ins_code 
_struct_sheet_range.end_label_comp_id 
_struct_sheet_range.end_label_asym_id 
_struct_sheet_range.end_label_seq_id 
_struct_sheet_range.pdbx_end_PDB_ins_code 
_struct_sheet_range.beg_auth_comp_id 
_struct_sheet_range.beg_auth_asym_id 
_struct_sheet_range.beg_auth_seq_id 
_struct_sheet_range.end_auth_comp_id 
_struct_sheet_range.end_auth_asym_id 
_struct_sheet_range.end_auth_seq_id 
AA1 1 PHE A 2 ? ASP A 5 ? PHE A 2 ASP A 5 
AA1 2 PHE B 2 ? ASP B 5 ? PHE B 2 ASP B 5 
# 
_pdbx_struct_sheet_hbond.sheet_id                AA1 
_pdbx_struct_sheet_hbond.range_id_1              1 
_pdbx_struct_sheet_hbond.range_id_2              2 
_pdbx_struct_sheet_hbond.range_1_label_atom_id   N 
_pdbx_struct_sheet_hbond.range_1_label_comp_id   ASP 
_pdbx_struct_sheet_hbond.range_1_label_asym_id   A 
_pdbx_struct_sheet_hbond.range_1_label_seq_id    5 
_pdbx_struct_sheet_hbond.range_1_PDB_ins_code    ? 
_pdbx_struct_sheet_hbond.range_1_auth_atom_id    N 
_pdbx_struct_sheet_hbond.range_1_auth_comp_id    ASP 
_pdbx_struct_sheet_hbond.range_1_auth_asym_id    A 
_pdbx_struct_sheet_hbond.range_1_auth_seq_id     5 
_pdbx_struct_sheet_hbond.range_2_label_atom_id   O 
_pdbx_struct_sheet_hbond.range_2_label_comp_id   PHE 
_pdbx_struct_sheet_hbond.range_2_label_asym_id   B 
_pdbx_struct_sheet_hbond.range_2_label_seq_id    2 
_pdbx_struct_sheet_hbond.range_2_PDB_ins_code    ? 
_pdbx_struct_sheet_hbond.range_2_auth_atom_id    O 
_pdbx_struct_sheet_hbond.range_2_auth_comp_id    PHE 
_pdbx_struct_sheet_hbond.range_2_auth_asym_id    B 
_pdbx_struct_sheet_hbond.range_2_auth_seq_id     2 
# 
_pdbx_validate_symm_contact.id                1 
_pdbx_validate_symm_contact.PDB_model_num     1 
_pdbx_validate_symm_contact.auth_atom_id_1    O 
_pdbx_validate_symm_contact.auth_asym_id_1    A 
_pdbx_validate_symm_contact.auth_comp_id_1    HOH 
_pdbx_validate_symm_contact.auth_seq_id_1     101 
_pdbx_validate_symm_contact.PDB_ins_code_1    ? 
_pdbx_validate_symm_contact.label_alt_id_1    ? 
_pdbx_validate_symm_contact.site_symmetry_1   1_555 
_pdbx_validate_symm_contact.auth_atom_id_2    O 
_pdbx_validate_symm_contact.auth_asym_id_2    B 
_pdbx_validate_symm_contact.auth_comp_id_2    HOH 
_pdbx_validate_symm_contact.auth_seq_id_2     101 
_pdbx_validate_symm_contact.PDB_ins_code_2    ? 
_pdbx_validate_symm_contact.label_alt_id_2    ? 
_pdbx_validate_symm_contact.site_symmetry_2   1_654 
_pdbx_validate_symm_contact.dist              2.06 
# 
loop_
_chem_comp_atom.comp_id 
_chem_comp_atom.atom_id 
_chem_comp_atom.type_symbol 
_chem_comp_atom.pdbx_aromatic_flag 
_chem_comp_atom.pdbx_stereo_config 
_chem_comp_atom.pdbx_ordinal 
ALA N    N N N 1   
ALA CA   C N S 2   
ALA C    C N N 3   
ALA O    O N N 4   
ALA CB   C N N 5   
ALA OXT  O N N 6   
ALA H    H N N 7   
ALA H2   H N N 8   
ALA HA   H N N 9   
ALA HB1  H N N 10  
ALA HB2  H N N 11  
ALA HB3  H N N 12  
ALA HXT  H N N 13  
ASP N    N N N 14  
ASP CA   C N S 15  
ASP C    C N N 16  
ASP O    O N N 17  
ASP CB   C N N 18  
ASP CG   C N N 19  
ASP OD1  O N N 20  
ASP OD2  O N N 21  
ASP OXT  O N N 22  
ASP H    H N N 23  
ASP H2   H N N 24  
ASP HA   H N N 25  
ASP HB2  H N N 26  
ASP HB3  H N N 27  
ASP HD2  H N N 28  
ASP HXT  H N N 29  
GLU N    N N N 30  
GLU CA   C N S 31  
GLU C    C N N 32  
GLU O    O N N 33  
GLU CB   C N N 34  
GLU CG   C N N 35  
GLU CD   C N N 36  
GLU OE1  O N N 37  
GLU OE2  O N N 38  
GLU OXT  O N N 39  
GLU H    H N N 40  
GLU H2   H N N 41  
GLU HA   H N N 42  
GLU HB2  H N N 43  
GLU HB3  H N N 44  
GLU HG2  H N N 45  
GLU HG3  H N N 46  
GLU HE2  H N N 47  
GLU HXT  H N N 48  
HOH O    O N N 49  
HOH H1   H N N 50  
HOH H2   H N N 51  
ILE N    N N N 52  
ILE CA   C N S 53  
ILE C    C N N 54  
ILE O    O N N 55  
ILE CB   C N S 56  
ILE CG1  C N N 57  
ILE CG2  C N N 58  
ILE CD1  C N N 59  
ILE OXT  O N N 60  
ILE H    H N N 61  
ILE H2   H N N 62  
ILE HA   H N N 63  
ILE HB   H N N 64  
ILE HG12 H N N 65  
ILE HG13 H N N 66  
ILE HG21 H N N 67  
ILE HG22 H N N 68  
ILE HG23 H N N 69  
ILE HD11 H N N 70  
ILE HD12 H N N 71  
ILE HD13 H N N 72  
ILE HXT  H N N 73  
PHE N    N N N 74  
PHE CA   C N S 75  
PHE C    C N N 76  
PHE O    O N N 77  
PHE CB   C N N 78  
PHE CG   C Y N 79  
PHE CD1  C Y N 80  
PHE CD2  C Y N 81  
PHE CE1  C Y N 82  
PHE CE2  C Y N 83  
PHE CZ   C Y N 84  
PHE OXT  O N N 85  
PHE H    H N N 86  
PHE H2   H N N 87  
PHE HA   H N N 88  
PHE HB2  H N N 89  
PHE HB3  H N N 90  
PHE HD1  H N N 91  
PHE HD2  H N N 92  
PHE HE1  H N N 93  
PHE HE2  H N N 94  
PHE HZ   H N N 95  
PHE HXT  H N N 96  
VAL N    N N N 97  
VAL CA   C N S 98  
VAL C    C N N 99  
VAL O    O N N 100 
VAL CB   C N N 101 
VAL CG1  C N N 102 
VAL CG2  C N N 103 
VAL OXT  O N N 104 
VAL H    H N N 105 
VAL H2   H N N 106 
VAL HA   H N N 107 
VAL HB   H N N 108 
VAL HG11 H N N 109 
VAL HG12 H N N 110 
VAL HG13 H N N 111 
VAL HG21 H N N 112 
VAL HG22 H N N 113 
VAL HG23 H N N 114 
VAL HXT  H N N 115 
# 
loop_
_chem_comp_bond.comp_id 
_chem_comp_bond.atom_id_1 
_chem_comp_bond.atom_id_2 
_chem_comp_bond.value_order 
_chem_comp_bond.pdbx_aromatic_flag 
_chem_comp_bond.pdbx_stereo_config 
_chem_comp_bond.pdbx_ordinal 
ALA N   CA   sing N N 1   
ALA N   H    sing N N 2   
ALA N   H2   sing N N 3   
ALA CA  C    sing N N 4   
ALA CA  CB   sing N N 5   
ALA CA  HA   sing N N 6   
ALA C   O    doub N N 7   
ALA C   OXT  sing N N 8   
ALA CB  HB1  sing N N 9   
ALA CB  HB2  sing N N 10  
ALA CB  HB3  sing N N 11  
ALA OXT HXT  sing N N 12  
ASP N   CA   sing N N 13  
ASP N   H    sing N N 14  
ASP N   H2   sing N N 15  
ASP CA  C    sing N N 16  
ASP CA  CB   sing N N 17  
ASP CA  HA   sing N N 18  
ASP C   O    doub N N 19  
ASP C   OXT  sing N N 20  
ASP CB  CG   sing N N 21  
ASP CB  HB2  sing N N 22  
ASP CB  HB3  sing N N 23  
ASP CG  OD1  doub N N 24  
ASP CG  OD2  sing N N 25  
ASP OD2 HD2  sing N N 26  
ASP OXT HXT  sing N N 27  
GLU N   CA   sing N N 28  
GLU N   H    sing N N 29  
GLU N   H2   sing N N 30  
GLU CA  C    sing N N 31  
GLU CA  CB   sing N N 32  
GLU CA  HA   sing N N 33  
GLU C   O    doub N N 34  
GLU C   OXT  sing N N 35  
GLU CB  CG   sing N N 36  
GLU CB  HB2  sing N N 37  
GLU CB  HB3  sing N N 38  
GLU CG  CD   sing N N 39  
GLU CG  HG2  sing N N 40  
GLU CG  HG3  sing N N 41  
GLU CD  OE1  doub N N 42  
GLU CD  OE2  sing N N 43  
GLU OE2 HE2  sing N N 44  
GLU OXT HXT  sing N N 45  
HOH O   H1   sing N N 46  
HOH O   H2   sing N N 47  
ILE N   CA   sing N N 48  
ILE N   H    sing N N 49  
ILE N   H2   sing N N 50  
ILE CA  C    sing N N 51  
ILE CA  CB   sing N N 52  
ILE CA  HA   sing N N 53  
ILE C   O    doub N N 54  
ILE C   OXT  sing N N 55  
ILE CB  CG1  sing N N 56  
ILE CB  CG2  sing N N 57  
ILE CB  HB   sing N N 58  
ILE CG1 CD1  sing N N 59  
ILE CG1 HG12 sing N N 60  
ILE CG1 HG13 sing N N 61  
ILE CG2 HG21 sing N N 62  
ILE CG2 HG22 sing N N 63  
ILE CG2 HG23 sing N N 64  
ILE CD1 HD11 sing N N 65  
ILE CD1 HD12 sing N N 66  
ILE CD1 HD13 sing N N 67  
ILE OXT HXT  sing N N 68  
PHE N   CA   sing N N 69  
PHE N   H    sing N N 70  
PHE N   H2   sing N N 71  
PHE CA  C    sing N N 72  
PHE CA  CB   sing N N 73  
PHE CA  HA   sing N N 74  
PHE C   O    doub N N 75  
PHE C   OXT  sing N N 76  
PHE CB  CG   sing N N 77  
PHE CB  HB2  sing N N 78  
PHE CB  HB3  sing N N 79  
PHE CG  CD1  doub Y N 80  
PHE CG  CD2  sing Y N 81  
PHE CD1 CE1  sing Y N 82  
PHE CD1 HD1  sing N N 83  
PHE CD2 CE2  doub Y N 84  
PHE CD2 HD2  sing N N 85  
PHE CE1 CZ   doub Y N 86  
PHE CE1 HE1  sing N N 87  
PHE CE2 CZ   sing Y N 88  
PHE CE2 HE2  sing N N 89  
PHE CZ  HZ   sing N N 90  
PHE OXT HXT  sing N N 91  
VAL N   CA   sing N N 92  
VAL N   H    sing N N 93  
VAL N   H2   sing N N 94  
VAL CA  C    sing N N 95  
VAL CA  CB   sing N N 96  
VAL CA  HA   sing N N 97  
VAL C   O    doub N N 98  
VAL C   OXT  sing N N 99  
VAL CB  CG1  sing N N 100 
VAL CB  CG2  sing N N 101 
VAL CB  HB   sing N N 102 
VAL CG1 HG11 sing N N 103 
VAL CG1 HG12 sing N N 104 
VAL CG1 HG13 sing N N 105 
VAL CG2 HG21 sing N N 106 
VAL CG2 HG22 sing N N 107 
VAL CG2 HG23 sing N N 108 
VAL OXT HXT  sing N N 109 
# 
_pdbx_initial_refinement_model.accession_code   ? 
_pdbx_initial_refinement_model.id               1 
_pdbx_initial_refinement_model.entity_id_list   ? 
_pdbx_initial_refinement_model.type             'in silico model' 
_pdbx_initial_refinement_model.source_name      Other 
_pdbx_initial_refinement_model.details          '6-residue beta strand' 
# 
_atom_sites.entry_id                    5TXJ 
_atom_sites.fract_transf_matrix[1][1]   0.09335521 
_atom_sites.fract_transf_matrix[1][2]   -0.04829112 
_atom_sites.fract_transf_matrix[1][3]   -0.00881265 
_atom_sites.fract_transf_matrix[2][1]   -0.04834513 
_atom_sites.fract_transf_matrix[2][2]   -0.06675536 
_atom_sites.fract_transf_matrix[2][3]   -0.05458554 
_atom_sites.fract_transf_matrix[3][1]   0.00901578 
_atom_sites.fract_transf_matrix[3][2]   0.02183204 
_atom_sites.fract_transf_matrix[3][3]   -0.04425499 
_atom_sites.fract_transf_vector[1]      0.279070 
_atom_sites.fract_transf_vector[2]      -0.158897 
_atom_sites.fract_transf_vector[3]      0.379449 
# 
loop_
_atom_type.symbol 
C 
N 
O 
# 
loop_
_atom_site.group_PDB 
_atom_site.id 
_atom_site.type_symbol 
_atom_site.label_atom_id 
_atom_site.label_alt_id 
_atom_site.label_comp_id 
_atom_site.label_asym_id 
_atom_site.label_entity_id 
_atom_site.label_seq_id 
_atom_site.pdbx_PDB_ins_code 
_atom_site.Cartn_x 
_atom_site.Cartn_y 
_atom_site.Cartn_z 
_atom_site.occupancy 
_atom_site.B_iso_or_equiv 
_atom_site.pdbx_formal_charge 
_atom_site.auth_seq_id 
_atom_site.auth_comp_id 
_atom_site.auth_asym_id 
_atom_site.auth_atom_id 
_atom_site.pdbx_PDB_model_num 
ATOM   1   N N   . ILE A 1 1 ? 4.466  4.487  -7.025 1.00 4.54  ? 1   ILE A N   1 
ATOM   2   C CA  . ILE A 1 1 ? 4.877  3.776  -5.820 1.00 3.76  ? 1   ILE A CA  1 
ATOM   3   C C   . ILE A 1 1 ? 3.671  3.055  -5.256 1.00 4.09  ? 1   ILE A C   1 
ATOM   4   O O   . ILE A 1 1 ? 2.626  3.673  -5.076 1.00 5.51  ? 1   ILE A O   1 
ATOM   5   C CB  . ILE A 1 1 ? 5.442  4.739  -4.766 1.00 5.28  ? 1   ILE A CB  1 
ATOM   6   C CG1 . ILE A 1 1 ? 6.627  5.526  -5.331 1.00 6.12  ? 1   ILE A CG1 1 
ATOM   7   C CG2 . ILE A 1 1 ? 5.847  3.988  -3.502 1.00 6.74  ? 1   ILE A CG2 1 
ATOM   8   C CD1 . ILE A 1 1 ? 7.189  6.556  -4.371 1.00 7.61  ? 1   ILE A CD1 1 
ATOM   9   N N   . PHE A 1 2 ? 3.799  1.761  -4.984 1.00 3.65  ? 2   PHE A N   1 
ATOM   10  C CA  . PHE A 1 2 ? 2.692  1.017  -4.411 1.00 3.47  ? 2   PHE A CA  1 
ATOM   11  C C   . PHE A 1 2 ? 3.212  0.224  -3.225 1.00 3.83  ? 2   PHE A C   1 
ATOM   12  O O   . PHE A 1 2 ? 4.104  -0.622 -3.386 1.00 3.46  ? 2   PHE A O   1 
ATOM   13  C CB  . PHE A 1 2 ? 2.019  0.085  -5.436 1.00 4.72  ? 2   PHE A CB  1 
ATOM   14  C CG  . PHE A 1 2 ? 0.888  -0.723 -4.844 1.00 4.00  ? 2   PHE A CG  1 
ATOM   15  C CD1 . PHE A 1 2 ? -0.234 -0.079 -4.335 1.00 4.74  ? 2   PHE A CD1 1 
ATOM   16  C CD2 . PHE A 1 2 ? 0.965  -2.101 -4.739 1.00 5.80  ? 2   PHE A CD2 1 
ATOM   17  C CE1 . PHE A 1 2 ? -1.274 -0.791 -3.761 1.00 4.96  ? 2   PHE A CE1 1 
ATOM   18  C CE2 . PHE A 1 2 ? -0.077 -2.823 -4.154 1.00 6.34  ? 2   PHE A CE2 1 
ATOM   19  C CZ  . PHE A 1 2 ? -1.195 -2.165 -3.669 1.00 5.69  ? 2   PHE A CZ  1 
ATOM   20  N N   . ALA A 1 3 ? 2.661  0.503  -2.046 1.00 3.48  ? 3   ALA A N   1 
ATOM   21  C CA  . ALA A 1 3 ? 3.071  -0.149 -0.810 1.00 3.52  ? 3   ALA A CA  1 
ATOM   22  C C   . ALA A 1 3 ? 1.864  -0.815 -0.183 1.00 3.98  ? 3   ALA A C   1 
ATOM   23  O O   . ALA A 1 3 ? 0.823  -0.184 0.003  1.00 4.72  ? 3   ALA A O   1 
ATOM   24  C CB  . ALA A 1 3 ? 3.675  0.854  0.157  1.00 5.70  ? 3   ALA A CB  1 
ATOM   25  N N   . GLU A 1 4 ? 2.018  -2.079 0.176  1.00 3.52  ? 4   GLU A N   1 
ATOM   26  C CA  . GLU A 1 4 ? 0.937  -2.823 0.777  1.00 4.32  ? 4   GLU A CA  1 
ATOM   27  C C   . GLU A 1 4 ? 1.395  -3.557 2.027  1.00 3.86  ? 4   GLU A C   1 
ATOM   28  O O   . GLU A 1 4 ? 2.403  -4.266 2.018  1.00 4.10  ? 4   GLU A O   1 
ATOM   29  C CB  . GLU A 1 4 ? 0.359  -3.816 -0.219 1.00 4.89  ? 4   GLU A CB  1 
ATOM   30  C CG  . GLU A 1 4 ? -0.770 -4.625 0.394  1.00 6.58  ? 4   GLU A CG  1 
ATOM   31  C CD  . GLU A 1 4 ? -1.506 -5.525 -0.586 1.00 7.18  ? 4   GLU A CD  1 
ATOM   32  O OE1 . GLU A 1 4 ? -1.431 -5.312 -1.812 1.00 9.86  ? 4   GLU A OE1 1 
ATOM   33  O OE2 . GLU A 1 4 ? -2.177 -6.457 -0.097 1.00 7.93  ? 4   GLU A OE2 1 
ATOM   34  N N   . ASP A 1 5 ? 0.618  -3.378 3.084  1.00 4.29  ? 5   ASP A N   1 
ATOM   35  C CA  . ASP A 1 5 ? 0.750  -4.048 4.359  1.00 4.75  ? 5   ASP A CA  1 
ATOM   36  C C   . ASP A 1 5 ? -0.501 -4.895 4.553  1.00 4.65  ? 5   ASP A C   1 
ATOM   37  O O   . ASP A 1 5 ? -1.600 -4.414 4.299  1.00 5.60  ? 5   ASP A O   1 
ATOM   38  C CB  . ASP A 1 5 ? 0.892  -2.995 5.454  1.00 6.76  ? 5   ASP A CB  1 
ATOM   39  C CG  . ASP A 1 5 ? 0.416  -3.477 6.793  1.00 9.29  ? 5   ASP A CG  1 
ATOM   40  O OD1 . ASP A 1 5 ? 1.129  -4.281 7.427  1.00 10.00 ? 5   ASP A OD1 1 
ATOM   41  O OD2 . ASP A 1 5 ? -0.679 -3.040 7.219  1.00 11.53 ? 5   ASP A OD2 1 
ATOM   42  N N   . VAL A 1 6 ? -0.357 -6.140 4.990  1.00 4.82  ? 6   VAL A N   1 
ATOM   43  C CA  . VAL A 1 6 ? -1.533 -6.965 5.243  1.00 5.34  ? 6   VAL A CA  1 
ATOM   44  C C   . VAL A 1 6 ? -1.798 -7.076 6.737  1.00 6.14  ? 6   VAL A C   1 
ATOM   45  O O   . VAL A 1 6 ? -0.918 -7.474 7.507  1.00 6.78  ? 6   VAL A O   1 
ATOM   46  C CB  . VAL A 1 6 ? -1.387 -8.366 4.634  1.00 6.41  ? 6   VAL A CB  1 
ATOM   47  C CG1 . VAL A 1 6 ? -2.618 -9.211 4.937  1.00 7.34  ? 6   VAL A CG1 1 
ATOM   48  C CG2 . VAL A 1 6 ? -1.188 -8.266 3.129  1.00 7.48  ? 6   VAL A CG2 1 
ATOM   49  O OXT . VAL A 1 6 ? -2.901 -6.759 7.181  1.00 6.76  ? 6   VAL A OXT 1 
ATOM   50  N N   . ILE B 1 1 ? -4.622 -4.265 7.212  1.00 5.73  ? 1   ILE B N   1 
ATOM   51  C CA  . ILE B 1 1 ? -4.443 -4.015 5.784  1.00 4.79  ? 1   ILE B CA  1 
ATOM   52  C C   . ILE B 1 1 ? -4.408 -2.522 5.523  1.00 3.91  ? 1   ILE B C   1 
ATOM   53  O O   . ILE B 1 1 ? -5.349 -1.797 5.867  1.00 5.50  ? 1   ILE B O   1 
ATOM   54  C CB  . ILE B 1 1 ? -5.567 -4.641 4.935  1.00 5.64  ? 1   ILE B CB  1 
ATOM   55  C CG1 . ILE B 1 1 ? -5.674 -6.144 5.201  1.00 7.51  ? 1   ILE B CG1 1 
ATOM   56  C CG2 . ILE B 1 1 ? -5.340 -4.340 3.451  1.00 6.87  ? 1   ILE B CG2 1 
ATOM   57  C CD1 . ILE B 1 1 ? -6.893 -6.788 4.588  1.00 7.83  ? 1   ILE B CD1 1 
ATOM   58  N N   . PHE B 1 2 ? -3.312 -2.070 4.927  1.00 3.97  ? 2   PHE B N   1 
ATOM   59  C CA  . PHE B 1 2 ? -3.173 -0.697 4.486  1.00 4.15  ? 2   PHE B CA  1 
ATOM   60  C C   . PHE B 1 2 ? -2.415 -0.724 3.173  1.00 3.64  ? 2   PHE B C   1 
ATOM   61  O O   . PHE B 1 2 ? -1.314 -1.276 3.105  1.00 4.14  ? 2   PHE B O   1 
ATOM   62  C CB  . PHE B 1 2 ? -2.434 0.161  5.517  1.00 4.75  ? 2   PHE B CB  1 
ATOM   63  C CG  . PHE B 1 2 ? -2.302 1.590  5.088  1.00 4.50  ? 2   PHE B CG  1 
ATOM   64  C CD1 . PHE B 1 2 ? -3.396 2.427  5.117  1.00 6.84  ? 2   PHE B CD1 1 
ATOM   65  C CD2 . PHE B 1 2 ? -1.109 2.079  4.597  1.00 5.65  ? 2   PHE B CD2 1 
ATOM   66  C CE1 . PHE B 1 2 ? -3.294 3.730  4.688  1.00 9.18  ? 2   PHE B CE1 1 
ATOM   67  C CE2 . PHE B 1 2 ? -1.005 3.390  4.170  1.00 6.97  ? 2   PHE B CE2 1 
ATOM   68  C CZ  . PHE B 1 2 ? -2.096 4.210  4.223  1.00 7.44  ? 2   PHE B CZ  1 
ATOM   69  N N   . ALA B 1 3 ? -3.009 -0.164 2.126  1.00 3.06  ? 3   ALA B N   1 
ATOM   70  C CA  . ALA B 1 3 ? -2.406 -0.180 0.799  1.00 3.60  ? 3   ALA B CA  1 
ATOM   71  C C   . ALA B 1 3 ? -2.465 1.218  0.222  1.00 3.59  ? 3   ALA B C   1 
ATOM   72  O O   . ALA B 1 3 ? -3.531 1.836  0.206  1.00 4.39  ? 3   ALA B O   1 
ATOM   73  C CB  . ALA B 1 3 ? -3.127 -1.169 -0.113 1.00 5.07  ? 3   ALA B CB  1 
ATOM   74  N N   . GLU B 1 4 ? -1.338 1.707  -0.274 1.00 2.92  ? 4   GLU B N   1 
ATOM   75  C CA  . GLU B 1 4 ? -1.308 3.046  -0.817 1.00 3.74  ? 4   GLU B CA  1 
ATOM   76  C C   . GLU B 1 4 ? -0.564 3.054  -2.136 1.00 3.35  ? 4   GLU B C   1 
ATOM   77  O O   . GLU B 1 4 ? 0.555  2.531  -2.238 1.00 3.53  ? 4   GLU B O   1 
ATOM   78  C CB  . GLU B 1 4 ? -0.667 4.020  0.175  1.00 4.58  ? 4   GLU B CB  1 
ATOM   79  C CG  . GLU B 1 4 ? -0.697 5.438  -0.357 1.00 4.69  ? 4   GLU B CG  1 
ATOM   80  C CD  . GLU B 1 4 ? -0.405 6.498  0.681  1.00 4.95  ? 4   GLU B CD  1 
ATOM   81  O OE1 . GLU B 1 4 ? -0.186 6.179  1.864  1.00 6.26  ? 4   GLU B OE1 1 
ATOM   82  O OE2 . GLU B 1 4 ? -0.385 7.685  0.281  1.00 6.62  ? 4   GLU B OE2 1 
ATOM   83  N N   . ASP B 1 5 ? -1.205 3.651  -3.135 1.00 3.07  ? 5   ASP B N   1 
ATOM   84  C CA  . ASP B 1 5 ? -0.627 3.887  -4.434 1.00 3.20  ? 5   ASP B CA  1 
ATOM   85  C C   . ASP B 1 5 ? -0.434 5.382  -4.608 1.00 3.61  ? 5   ASP B C   1 
ATOM   86  O O   . ASP B 1 5 ? -1.398 6.148  -4.482 1.00 4.65  ? 5   ASP B O   1 
ATOM   87  C CB  . ASP B 1 5 ? -1.540 3.360  -5.530 1.00 5.07  ? 5   ASP B CB  1 
ATOM   88  C CG  . ASP B 1 5 ? -0.962 3.602  -6.895 1.00 6.34  ? 5   ASP B CG  1 
ATOM   89  O OD1 . ASP B 1 5 ? 0.167  3.123  -7.104 1.00 6.20  ? 5   ASP B OD1 1 
ATOM   90  O OD2 . ASP B 1 5 ? -1.589 4.294  -7.723 1.00 6.78  ? 5   ASP B OD2 1 
ATOM   91  N N   . VAL B 1 6 ? 0.801  5.774  -4.893 1.00 4.41  ? 6   VAL B N   1 
ATOM   92  C CA  . VAL B 1 6 ? 1.163  7.151  -5.155 1.00 5.43  ? 6   VAL B CA  1 
ATOM   93  C C   . VAL B 1 6 ? 1.554  7.254  -6.626 1.00 6.96  ? 6   VAL B C   1 
ATOM   94  O O   . VAL B 1 6 ? 2.615  6.737  -7.007 1.00 6.73  ? 6   VAL B O   1 
ATOM   95  C CB  . VAL B 1 6 ? 2.333  7.612  -4.260 1.00 6.42  ? 6   VAL B CB  1 
ATOM   96  C CG1 . VAL B 1 6 ? 2.663  9.071  -4.536 1.00 8.14  ? 6   VAL B CG1 1 
ATOM   97  C CG2 . VAL B 1 6 ? 2.007  7.392  -2.791 1.00 8.68  ? 6   VAL B CG2 1 
ATOM   98  O OXT . VAL B 1 6 ? 0.835  7.821  -7.457 1.00 8.49  ? 6   VAL B OXT 1 
HETATM 99  O O   . HOH C 2 . ? 3.040  -4.942 6.568  1.00 17.01 ? 101 HOH A O   1 
HETATM 100 O O   . HOH C 2 . ? -3.313 -7.899 -1.857 1.00 6.52  ? 102 HOH A O   1 
HETATM 101 O O   . HOH C 2 . ? 1.148  -8.997 7.750  1.00 10.53 ? 103 HOH A O   1 
HETATM 102 O O   . HOH D 2 . ? -1.174 9.435  -7.554 1.00 10.32 ? 101 HOH B O   1 
HETATM 103 O O   . HOH D 2 . ? 0.398  9.445  2.081  1.00 6.09  ? 102 HOH B O   1 
# 
